data_4ZH0
#
_entry.id   4ZH0
#
_cell.length_a   60.830
_cell.length_b   93.040
_cell.length_c   96.920
_cell.angle_alpha   90.00
_cell.angle_beta   90.00
_cell.angle_gamma   90.00
#
_symmetry.space_group_name_H-M   'P 21 21 21'
#
loop_
_entity.id
_entity.type
_entity.pdbx_description
1 polymer 'Outer membrane protein-adhesin'
2 water water
#
_entity_poly.entity_id   1
_entity_poly.type   'polypeptide(L)'
_entity_poly.pdbx_seq_one_letter_code
;GYQIGEAAQ(MSE)VTNTKGIQDLSDRYESLNNLLNRYSTLNTLIKLSADPSAINAVRENLGASAKNLIGDKANSPAYQA
VLLAINAAVGFWNVVGYVTQCGGNANGQKSISSKTIFNNEPGYRSTSITCSLNGHSPGYYGP(MSE)SIENFKKLNEAYQ
ILQTALKRGLPALKENNGKVNVTYTYTCSGDGNNNCSSQVTGVNNQKDGTKTKIQTIDGKSVTTTISSKVVDSRADGNTT
GVSYTEITNKLEGVPDSAQALLAQASTLINTINNACPYFHASNSSEANAPKFSTTTGKICGAFSEEISAIQK(MSE)ITD
AQELVNQTSVINEHEQTTPVGNNNGKPFNPFTDASFAQG(MSE)LANASAQAK(MSE)LNLAEQVGQAINPERLSGTFQN
FVKGFLATCNNPSTAGTGGTQGSAPGTVTTQTFASGCAYVGQTITNLKNSIAHFGTQEQQIQQAENIADTLVNFKSRYSE
LGNTYNSITTALSNIPNAQSLQNAVSKKNNPYSPQGIDTNYYLNQNSYNQIQTINQELKKKKKKGSEQKLISEEDLSHHH
HHH
;
_entity_poly.pdbx_strand_id   A
#
# COMPACT_ATOMS: atom_id res chain seq x y z
N GLN A 18 -43.95 -15.50 -8.26
CA GLN A 18 -44.47 -15.95 -9.56
C GLN A 18 -43.47 -16.84 -10.27
N ASP A 19 -43.88 -18.09 -10.49
CA ASP A 19 -43.07 -19.06 -11.22
C ASP A 19 -42.63 -18.51 -12.58
N LEU A 20 -43.59 -18.23 -13.46
CA LEU A 20 -43.30 -17.78 -14.85
C LEU A 20 -42.33 -16.58 -14.95
N SER A 21 -42.33 -15.72 -13.95
CA SER A 21 -41.45 -14.59 -13.92
C SER A 21 -40.01 -14.98 -13.53
N ASP A 22 -39.85 -15.92 -12.60
CA ASP A 22 -38.52 -16.43 -12.29
C ASP A 22 -37.92 -17.16 -13.49
N ARG A 23 -38.79 -17.83 -14.24
CA ARG A 23 -38.41 -18.40 -15.53
C ARG A 23 -37.84 -17.42 -16.52
N TYR A 24 -38.53 -16.30 -16.74
CA TYR A 24 -38.11 -15.37 -17.78
C TYR A 24 -36.85 -14.64 -17.37
N GLU A 25 -36.67 -14.46 -16.07
CA GLU A 25 -35.52 -13.77 -15.52
C GLU A 25 -34.29 -14.67 -15.71
N SER A 26 -34.43 -15.94 -15.34
CA SER A 26 -33.36 -16.88 -15.42
C SER A 26 -32.92 -17.03 -16.91
N LEU A 27 -33.86 -17.19 -17.82
CA LEU A 27 -33.61 -17.18 -19.26
C LEU A 27 -32.91 -15.94 -19.83
N ASN A 28 -33.32 -14.74 -19.38
CA ASN A 28 -32.68 -13.50 -19.80
C ASN A 28 -31.25 -13.43 -19.34
N ASN A 29 -31.02 -13.81 -18.10
CA ASN A 29 -29.69 -13.87 -17.56
C ASN A 29 -28.80 -14.87 -18.27
N LEU A 30 -29.30 -16.05 -18.59
CA LEU A 30 -28.54 -17.03 -19.36
C LEU A 30 -28.22 -16.58 -20.81
N LEU A 31 -29.20 -16.04 -21.48
CA LEU A 31 -28.94 -15.43 -22.78
C LEU A 31 -27.86 -14.36 -22.76
N ASN A 32 -27.90 -13.46 -21.79
CA ASN A 32 -26.79 -12.52 -21.60
C ASN A 32 -25.44 -13.17 -21.35
N ARG A 33 -25.42 -14.16 -20.47
CA ARG A 33 -24.23 -14.90 -20.23
C ARG A 33 -23.68 -15.56 -21.52
N TYR A 34 -24.55 -16.26 -22.23
CA TYR A 34 -24.21 -16.87 -23.47
C TYR A 34 -23.66 -15.90 -24.47
N SER A 35 -24.31 -14.77 -24.60
CA SER A 35 -23.86 -13.77 -25.56
C SER A 35 -22.44 -13.24 -25.23
N THR A 36 -22.15 -13.01 -23.96
CA THR A 36 -20.85 -12.54 -23.50
C THR A 36 -19.79 -13.59 -23.68
N LEU A 37 -20.11 -14.83 -23.32
CA LEU A 37 -19.17 -15.95 -23.54
C LEU A 37 -18.83 -16.19 -25.04
N ASN A 38 -19.85 -16.05 -25.90
CA ASN A 38 -19.70 -16.12 -27.33
C ASN A 38 -18.72 -15.09 -27.85
N THR A 39 -18.91 -13.86 -27.43
CA THR A 39 -17.99 -12.81 -27.75
C THR A 39 -16.53 -13.09 -27.27
N LEU A 40 -16.39 -13.67 -26.10
CA LEU A 40 -15.07 -13.91 -25.47
C LEU A 40 -14.29 -14.96 -26.24
N ILE A 41 -15.01 -15.99 -26.69
CA ILE A 41 -14.50 -17.01 -27.59
C ILE A 41 -14.06 -16.43 -28.94
N LYS A 42 -14.91 -15.59 -29.53
CA LYS A 42 -14.53 -14.89 -30.74
C LYS A 42 -13.30 -13.98 -30.57
N LEU A 43 -13.25 -13.24 -29.48
CA LEU A 43 -12.15 -12.35 -29.24
C LEU A 43 -10.85 -13.13 -29.07
N SER A 44 -10.94 -14.20 -28.34
CA SER A 44 -9.79 -15.04 -28.05
C SER A 44 -9.25 -15.78 -29.27
N ALA A 45 -10.01 -15.83 -30.37
CA ALA A 45 -9.53 -16.37 -31.66
C ALA A 45 -9.08 -15.31 -32.66
N ASP A 46 -9.00 -14.05 -32.26
CA ASP A 46 -8.70 -12.95 -33.18
C ASP A 46 -7.46 -12.22 -32.66
N PRO A 47 -6.29 -12.50 -33.25
CA PRO A 47 -5.07 -11.78 -32.82
C PRO A 47 -5.13 -10.30 -32.84
N SER A 48 -5.84 -9.70 -33.77
CA SER A 48 -5.92 -8.21 -33.77
C SER A 48 -6.62 -7.67 -32.47
N ALA A 49 -7.67 -8.37 -32.01
CA ALA A 49 -8.29 -8.00 -30.75
C ALA A 49 -7.38 -8.31 -29.54
N ILE A 50 -6.75 -9.48 -29.52
CA ILE A 50 -5.86 -9.85 -28.43
C ILE A 50 -4.70 -8.85 -28.29
N ASN A 51 -4.18 -8.38 -29.44
CA ASN A 51 -3.09 -7.39 -29.43
C ASN A 51 -3.51 -6.04 -28.90
N ALA A 52 -4.71 -5.59 -29.25
CA ALA A 52 -5.17 -4.32 -28.70
C ALA A 52 -5.34 -4.42 -27.18
N VAL A 53 -5.84 -5.54 -26.65
CA VAL A 53 -6.02 -5.71 -25.23
C VAL A 53 -4.64 -5.82 -24.50
N ARG A 54 -3.68 -6.50 -25.13
CA ARG A 54 -2.32 -6.54 -24.60
C ARG A 54 -1.67 -5.18 -24.52
N GLU A 55 -1.77 -4.42 -25.60
CA GLU A 55 -1.26 -3.06 -25.60
C GLU A 55 -1.87 -2.22 -24.44
N ASN A 56 -3.18 -2.35 -24.23
CA ASN A 56 -3.85 -1.67 -23.14
C ASN A 56 -3.33 -2.11 -21.79
N LEU A 57 -3.17 -3.41 -21.63
CA LEU A 57 -2.57 -3.93 -20.40
C LEU A 57 -1.15 -3.43 -20.10
N GLY A 58 -0.26 -3.31 -21.10
CA GLY A 58 1.06 -2.74 -20.86
C GLY A 58 0.97 -1.28 -20.47
N ALA A 59 0.06 -0.54 -21.09
CA ALA A 59 -0.08 0.86 -20.73
C ALA A 59 -0.64 1.06 -19.30
N SER A 60 -1.58 0.22 -18.85
CA SER A 60 -2.02 0.37 -17.48
C SER A 60 -0.90 0.03 -16.49
N ALA A 61 -0.06 -0.95 -16.79
CA ALA A 61 1.07 -1.32 -15.91
C ALA A 61 1.99 -0.16 -15.80
N LYS A 62 2.28 0.44 -16.93
CA LYS A 62 3.07 1.71 -16.89
C LYS A 62 2.52 2.77 -16.03
N ASN A 63 1.23 2.98 -16.11
CA ASN A 63 0.59 3.86 -15.22
C ASN A 63 0.71 3.48 -13.77
N LEU A 64 0.37 2.25 -13.43
CA LEU A 64 0.46 1.90 -12.01
C LEU A 64 1.90 2.12 -11.44
N ILE A 65 2.92 1.59 -12.13
CA ILE A 65 4.32 1.49 -11.64
C ILE A 65 5.16 2.73 -11.98
N GLY A 66 4.73 3.52 -12.95
CA GLY A 66 5.52 4.60 -13.49
C GLY A 66 5.01 5.93 -13.09
N ASP A 67 3.70 6.05 -12.83
CA ASP A 67 3.13 7.36 -12.50
C ASP A 67 3.08 7.56 -10.98
N LYS A 68 2.76 8.78 -10.58
CA LYS A 68 2.67 9.13 -9.16
C LYS A 68 1.28 9.63 -8.86
N ALA A 69 1.00 10.90 -9.14
CA ALA A 69 -0.30 11.46 -8.87
C ALA A 69 -1.43 10.57 -9.30
N ASN A 70 -1.35 10.08 -10.54
CA ASN A 70 -2.39 9.24 -11.09
C ASN A 70 -2.38 7.75 -10.78
N SER A 71 -1.42 7.25 -10.01
CA SER A 71 -1.36 5.81 -9.66
C SER A 71 -2.03 5.50 -8.34
N PRO A 72 -3.08 4.65 -8.35
CA PRO A 72 -3.62 4.24 -7.02
C PRO A 72 -2.61 3.48 -6.20
N ALA A 73 -1.71 2.81 -6.86
CA ALA A 73 -0.68 2.07 -6.17
C ALA A 73 0.28 3.02 -5.40
N TYR A 74 0.77 4.03 -6.09
CA TYR A 74 1.57 5.05 -5.50
C TYR A 74 0.85 5.67 -4.33
N GLN A 75 -0.40 6.11 -4.55
CA GLN A 75 -1.16 6.81 -3.52
C GLN A 75 -1.36 5.96 -2.31
N ALA A 76 -1.58 4.66 -2.53
CA ALA A 76 -1.77 3.72 -1.43
C ALA A 76 -0.51 3.49 -0.55
N VAL A 77 0.63 3.35 -1.21
CA VAL A 77 1.88 3.26 -0.50
C VAL A 77 2.19 4.54 0.35
N LEU A 78 2.05 5.71 -0.27
CA LEU A 78 2.23 7.01 0.37
C LEU A 78 1.32 7.16 1.58
N LEU A 79 0.12 6.67 1.46
CA LEU A 79 -0.88 6.75 2.52
C LEU A 79 -0.53 5.84 3.72
N ALA A 80 -0.10 4.63 3.46
CA ALA A 80 0.41 3.77 4.54
C ALA A 80 1.61 4.39 5.31
N ILE A 81 2.61 4.87 4.59
CA ILE A 81 3.72 5.57 5.19
C ILE A 81 3.30 6.84 5.99
N ASN A 82 2.55 7.72 5.34
CA ASN A 82 2.09 8.93 5.99
C ASN A 82 1.25 8.68 7.22
N ALA A 83 0.46 7.61 7.26
CA ALA A 83 -0.31 7.27 8.44
C ALA A 83 0.58 6.94 9.62
N ALA A 84 1.67 6.21 9.36
CA ALA A 84 2.60 5.77 10.45
C ALA A 84 3.39 6.96 11.02
N VAL A 85 3.94 7.79 10.15
CA VAL A 85 4.62 9.02 10.59
C VAL A 85 3.65 9.93 11.34
N GLY A 86 2.47 10.09 10.78
CA GLY A 86 1.46 10.99 11.39
C GLY A 86 0.99 10.48 12.73
N PHE A 87 0.88 9.14 12.88
CA PHE A 87 0.51 8.57 14.17
C PHE A 87 1.56 8.99 15.21
N TRP A 88 2.85 8.88 14.87
CA TRP A 88 3.90 9.30 15.83
C TRP A 88 3.88 10.80 16.12
N ASN A 89 3.61 11.61 15.13
CA ASN A 89 3.56 13.05 15.40
C ASN A 89 2.38 13.39 16.36
N VAL A 90 1.33 12.60 16.37
CA VAL A 90 0.19 12.82 17.28
C VAL A 90 0.53 12.45 18.70
N VAL A 91 1.06 11.25 18.86
CA VAL A 91 1.19 10.67 20.20
C VAL A 91 2.57 10.77 20.83
N GLY A 92 3.58 11.10 20.06
CA GLY A 92 4.94 11.13 20.58
C GLY A 92 5.12 12.03 21.79
N TYR A 93 4.53 13.21 21.78
CA TYR A 93 4.76 14.12 22.86
C TYR A 93 4.28 13.66 24.26
N VAL A 94 3.44 12.64 24.35
CA VAL A 94 2.87 12.21 25.61
C VAL A 94 3.47 10.89 26.01
N THR A 95 4.26 10.30 25.14
CA THR A 95 4.77 8.95 25.34
C THR A 95 6.01 9.03 26.20
N GLN A 96 6.07 8.24 27.27
CA GLN A 96 7.19 8.35 28.20
C GLN A 96 8.37 7.52 27.76
N CYS A 97 9.54 8.09 27.94
CA CYS A 97 10.78 7.38 27.67
C CYS A 97 11.88 7.78 28.65
N GLY A 98 12.90 6.94 28.79
CA GLY A 98 13.95 7.20 29.73
C GLY A 98 14.81 5.99 30.06
N GLY A 99 15.68 6.23 31.06
CA GLY A 99 16.58 5.23 31.53
C GLY A 99 17.91 5.32 30.87
N ASN A 100 18.67 4.28 31.12
CA ASN A 100 20.07 4.11 30.66
C ASN A 100 20.18 3.02 29.62
N ALA A 101 21.41 2.72 29.18
CA ALA A 101 21.64 1.68 28.17
C ALA A 101 21.16 0.35 28.62
N ASN A 102 20.89 -0.51 27.64
CA ASN A 102 20.36 -1.87 27.85
C ASN A 102 19.04 -1.89 28.54
N GLY A 103 18.24 -0.84 28.44
CA GLY A 103 16.93 -0.83 29.07
C GLY A 103 16.93 -0.76 30.60
N GLN A 104 18.01 -0.24 31.20
CA GLN A 104 18.11 -0.17 32.65
C GLN A 104 17.53 1.11 33.21
N LYS A 105 16.93 1.04 34.42
CA LYS A 105 16.55 2.26 35.09
C LYS A 105 17.72 3.18 35.36
N SER A 106 17.43 4.44 35.55
CA SER A 106 18.44 5.45 35.74
C SER A 106 18.03 6.38 36.86
N ILE A 107 19.03 7.08 37.41
CA ILE A 107 18.84 8.09 38.48
C ILE A 107 18.69 9.47 37.92
N SER A 108 19.55 9.84 36.96
CA SER A 108 19.48 11.19 36.41
C SER A 108 20.01 11.24 34.97
N SER A 109 19.35 10.55 34.04
CA SER A 109 19.73 10.49 32.62
C SER A 109 18.65 11.24 31.75
N LYS A 110 19.04 12.36 31.16
CA LYS A 110 18.24 13.15 30.23
C LYS A 110 18.81 12.92 28.84
N THR A 111 18.04 12.27 27.96
CA THR A 111 18.48 12.00 26.58
C THR A 111 17.53 12.66 25.60
N ILE A 112 18.03 13.59 24.78
CA ILE A 112 17.19 14.41 23.97
C ILE A 112 17.39 14.04 22.50
N PHE A 113 16.28 13.78 21.79
CA PHE A 113 16.36 13.43 20.35
C PHE A 113 15.86 14.58 19.47
N ASN A 114 16.72 15.11 18.62
CA ASN A 114 16.40 16.29 17.83
C ASN A 114 15.58 15.94 16.60
N ASN A 115 14.90 16.95 16.06
CA ASN A 115 13.90 16.82 14.99
C ASN A 115 12.86 15.69 15.31
N GLU A 116 12.23 15.82 16.48
CA GLU A 116 11.18 14.95 16.96
C GLU A 116 10.03 15.84 17.52
N PRO A 117 8.77 15.37 17.43
CA PRO A 117 7.62 16.28 17.68
C PRO A 117 7.31 16.34 19.16
N GLY A 118 8.14 17.05 19.87
CA GLY A 118 7.99 17.17 21.32
C GLY A 118 6.98 18.22 21.73
N TYR A 119 6.62 18.19 23.01
CA TYR A 119 5.78 19.24 23.58
C TYR A 119 6.42 20.64 23.44
N ARG A 120 5.78 21.51 22.66
CA ARG A 120 6.29 22.83 22.29
C ARG A 120 7.76 22.87 21.96
N SER A 121 8.22 21.86 21.25
CA SER A 121 9.64 21.70 21.00
C SER A 121 9.85 20.93 19.69
N THR A 122 11.03 21.10 19.07
CA THR A 122 11.43 20.27 17.96
C THR A 122 12.34 19.13 18.41
N SER A 123 12.39 18.86 19.70
CA SER A 123 12.98 17.63 20.23
C SER A 123 12.08 16.90 21.22
N ILE A 124 12.27 15.59 21.37
CA ILE A 124 11.62 14.86 22.43
C ILE A 124 12.65 14.62 23.49
N THR A 125 12.29 14.90 24.76
CA THR A 125 13.19 14.64 25.92
C THR A 125 12.76 13.37 26.64
N CYS A 126 13.68 12.42 26.74
CA CYS A 126 13.52 11.18 27.52
C CYS A 126 14.24 11.35 28.88
N SER A 127 13.44 11.48 29.91
CA SER A 127 13.96 11.80 31.18
C SER A 127 13.11 11.17 32.28
N LEU A 128 12.57 9.99 32.09
CA LEU A 128 11.89 9.33 33.17
C LEU A 128 12.87 8.53 34.02
N ASN A 129 13.20 9.08 35.20
CA ASN A 129 14.14 8.41 36.16
C ASN A 129 13.44 7.60 37.20
N GLY A 130 14.14 6.61 37.73
CA GLY A 130 13.60 5.73 38.79
C GLY A 130 12.56 4.66 38.45
N HIS A 131 12.31 4.37 37.19
CA HIS A 131 11.42 3.29 36.78
C HIS A 131 12.12 2.52 35.71
N SER A 132 11.99 1.21 35.73
CA SER A 132 12.57 0.35 34.72
C SER A 132 11.79 0.49 33.43
N PRO A 133 12.49 0.68 32.32
CA PRO A 133 11.79 0.71 31.06
C PRO A 133 11.10 -0.62 30.79
N GLY A 134 9.99 -0.59 30.06
CA GLY A 134 9.29 -1.80 29.65
C GLY A 134 7.82 -1.60 29.36
N TYR A 135 7.13 -2.71 29.12
CA TYR A 135 5.70 -2.71 28.95
C TYR A 135 4.96 -1.87 30.02
N TYR A 136 4.07 -0.98 29.59
CA TYR A 136 3.39 -0.06 30.51
C TYR A 136 4.34 0.79 31.36
N GLY A 137 5.60 0.95 30.95
CA GLY A 137 6.51 1.90 31.58
C GLY A 137 7.19 2.77 30.53
N PRO A 138 8.33 3.40 30.90
CA PRO A 138 8.98 4.23 29.93
C PRO A 138 9.54 3.39 28.84
N MSE A 139 9.55 3.93 27.64
CA MSE A 139 10.21 3.30 26.53
C MSE A 139 11.67 3.41 26.79
O MSE A 139 12.14 4.48 27.16
CB MSE A 139 9.91 4.03 25.21
CG MSE A 139 10.36 3.18 24.03
SE MSE A 139 10.10 4.05 22.27
CE MSE A 139 8.15 3.92 22.01
N SER A 140 12.38 2.29 26.57
CA SER A 140 13.84 2.30 26.70
C SER A 140 14.47 3.13 25.62
N ILE A 141 15.69 3.59 25.92
CA ILE A 141 16.41 4.38 24.97
C ILE A 141 16.84 3.50 23.79
N GLU A 142 17.13 2.24 24.01
CA GLU A 142 17.41 1.33 22.90
C GLU A 142 16.26 1.28 21.87
N ASN A 143 15.04 1.15 22.39
CA ASN A 143 13.84 1.25 21.54
C ASN A 143 13.57 2.63 20.96
N PHE A 144 13.74 3.67 21.74
CA PHE A 144 13.56 5.01 21.16
C PHE A 144 14.49 5.23 19.95
N LYS A 145 15.73 4.74 20.09
CA LYS A 145 16.72 4.91 19.02
C LYS A 145 16.27 4.28 17.70
N LYS A 146 15.75 3.07 17.78
CA LYS A 146 15.16 2.37 16.63
C LYS A 146 14.01 3.13 16.01
N LEU A 147 13.10 3.55 16.87
CA LEU A 147 11.96 4.34 16.45
C LEU A 147 12.43 5.64 15.78
N ASN A 148 13.34 6.36 16.42
CA ASN A 148 13.82 7.63 15.91
C ASN A 148 14.56 7.52 14.60
N GLU A 149 15.38 6.47 14.45
CA GLU A 149 16.06 6.27 13.14
C GLU A 149 15.06 6.01 12.01
N ALA A 150 14.10 5.10 12.19
CA ALA A 150 13.03 4.94 11.19
C ALA A 150 12.28 6.25 10.88
N TYR A 151 11.91 6.99 11.93
CA TYR A 151 11.25 8.30 11.77
C TYR A 151 12.02 9.33 10.97
N GLN A 152 13.31 9.47 11.27
CA GLN A 152 14.13 10.42 10.53
C GLN A 152 14.30 10.01 9.06
N ILE A 153 14.42 8.73 8.80
CA ILE A 153 14.56 8.23 7.39
C ILE A 153 13.27 8.54 6.63
N LEU A 154 12.13 8.18 7.23
CA LEU A 154 10.86 8.45 6.59
C LEU A 154 10.62 9.91 6.36
N GLN A 155 10.91 10.74 7.36
CA GLN A 155 10.66 12.22 7.18
C GLN A 155 11.61 12.87 6.10
N THR A 156 12.86 12.45 6.04
CA THR A 156 13.79 12.92 5.02
C THR A 156 13.32 12.53 3.59
N ALA A 157 12.92 11.27 3.43
CA ALA A 157 12.35 10.75 2.18
C ALA A 157 11.07 11.45 1.75
N LEU A 158 10.14 11.62 2.69
CA LEU A 158 8.91 12.35 2.42
C LEU A 158 9.12 13.81 2.01
N LYS A 159 10.10 14.46 2.60
CA LYS A 159 10.35 15.84 2.32
C LYS A 159 10.80 15.99 0.86
N ARG A 160 11.64 15.10 0.41
CA ARG A 160 12.14 15.04 -0.92
C ARG A 160 11.10 14.49 -1.94
N GLY A 161 10.22 13.58 -1.56
CA GLY A 161 9.23 13.05 -2.50
C GLY A 161 9.57 11.62 -2.74
N LEU A 162 8.57 10.73 -2.61
CA LEU A 162 8.79 9.31 -2.87
C LEU A 162 8.79 9.03 -4.34
N PRO A 163 9.66 8.14 -4.77
CA PRO A 163 9.80 7.82 -6.17
C PRO A 163 8.67 6.88 -6.65
N ALA A 164 8.44 6.80 -7.99
CA ALA A 164 7.50 5.85 -8.60
C ALA A 164 7.86 4.41 -8.25
N LEU A 165 6.86 3.54 -8.21
CA LEU A 165 7.09 2.18 -7.83
C LEU A 165 8.06 1.44 -8.70
N LYS A 166 8.32 1.92 -9.92
CA LYS A 166 9.31 1.22 -10.79
C LYS A 166 10.74 1.49 -10.39
N GLU A 167 10.94 2.60 -9.67
CA GLU A 167 12.25 3.12 -9.29
C GLU A 167 12.58 2.57 -7.92
N ASN A 168 13.24 1.40 -7.89
CA ASN A 168 13.55 0.69 -6.66
C ASN A 168 15.00 0.87 -6.16
N ASN A 169 15.81 1.67 -6.84
CA ASN A 169 17.24 1.85 -6.49
C ASN A 169 17.61 3.33 -6.13
N GLY A 170 16.66 4.19 -5.91
CA GLY A 170 16.98 5.49 -5.36
C GLY A 170 17.51 5.46 -3.91
N LYS A 171 18.24 6.51 -3.60
CA LYS A 171 19.02 6.63 -2.37
C LYS A 171 18.87 8.00 -1.81
N VAL A 172 18.86 8.07 -0.48
CA VAL A 172 18.83 9.31 0.24
C VAL A 172 19.85 9.28 1.38
N ASN A 173 20.40 10.44 1.70
CA ASN A 173 21.23 10.61 2.87
C ASN A 173 20.41 11.24 4.02
N VAL A 174 20.67 10.74 5.22
CA VAL A 174 19.83 11.07 6.38
C VAL A 174 20.78 11.38 7.53
N THR A 175 20.58 12.51 8.20
CA THR A 175 21.42 12.86 9.37
C THR A 175 20.57 13.20 10.53
N TYR A 176 20.94 12.74 11.68
CA TYR A 176 20.22 13.11 12.90
C TYR A 176 21.17 13.18 14.10
N THR A 177 20.67 13.85 15.15
CA THR A 177 21.45 14.09 16.33
C THR A 177 20.61 13.86 17.61
N TYR A 178 21.28 13.41 18.64
CA TYR A 178 20.72 13.38 19.98
C TYR A 178 21.81 13.75 20.99
N THR A 179 21.37 14.15 22.20
CA THR A 179 22.26 14.48 23.30
C THR A 179 21.95 13.76 24.60
N CYS A 180 23.02 13.56 25.37
CA CYS A 180 22.95 12.96 26.69
C CYS A 180 23.51 13.94 27.74
N SER A 181 22.77 14.14 28.84
CA SER A 181 23.18 14.93 29.97
C SER A 181 22.66 14.27 31.25
N GLY A 182 23.12 14.81 32.38
CA GLY A 182 22.91 14.25 33.71
C GLY A 182 23.95 13.22 34.17
N ASP A 183 24.34 13.28 35.44
CA ASP A 183 25.28 12.30 36.04
C ASP A 183 24.86 10.86 35.83
N GLY A 184 25.79 10.03 35.41
CA GLY A 184 25.54 8.62 35.16
C GLY A 184 24.85 8.26 33.86
N ASN A 185 24.56 9.21 32.95
CA ASN A 185 23.91 8.87 31.66
C ASN A 185 24.90 8.14 30.72
N ASN A 186 24.66 6.88 30.40
CA ASN A 186 25.61 6.11 29.59
C ASN A 186 25.15 5.84 28.13
N ASN A 187 24.09 6.53 27.72
CA ASN A 187 23.43 6.27 26.42
C ASN A 187 24.28 6.82 25.26
N CYS A 188 25.27 7.66 25.55
CA CYS A 188 26.17 8.22 24.53
C CYS A 188 27.62 7.81 24.78
N SER A 189 27.83 6.71 25.47
CA SER A 189 29.17 6.28 25.81
C SER A 189 29.76 5.49 24.66
N SER A 190 31.10 5.40 24.65
CA SER A 190 31.89 4.63 23.67
C SER A 190 31.36 3.27 23.40
N GLN A 191 30.99 2.57 24.47
CA GLN A 191 30.53 1.21 24.39
C GLN A 191 29.24 1.14 23.63
N VAL A 192 28.41 2.17 23.75
CA VAL A 192 27.08 2.14 23.14
C VAL A 192 27.13 2.64 21.69
N THR A 193 27.91 3.66 21.43
CA THR A 193 27.91 4.33 20.12
C THR A 193 28.92 3.66 19.17
N GLY A 194 29.97 3.05 19.72
CA GLY A 194 31.09 2.50 18.92
C GLY A 194 32.24 3.47 18.62
N VAL A 195 32.19 4.73 19.07
CA VAL A 195 33.34 5.60 18.77
C VAL A 195 34.62 5.22 19.55
N ASN A 196 35.75 5.66 19.04
CA ASN A 196 37.03 5.41 19.72
C ASN A 196 37.06 6.22 21.05
N ASN A 197 36.61 7.46 21.04
CA ASN A 197 36.70 8.39 22.14
C ASN A 197 35.43 9.25 22.21
N GLN A 198 34.71 9.18 23.31
CA GLN A 198 33.43 9.93 23.45
C GLN A 198 33.63 11.46 23.39
N LYS A 199 34.71 11.98 24.00
CA LYS A 199 34.96 13.44 23.97
C LYS A 199 35.06 14.02 22.59
N ASP A 200 35.63 13.24 21.68
CA ASP A 200 35.87 13.71 20.34
C ASP A 200 36.22 12.46 19.53
N GLY A 201 35.23 11.95 18.81
CA GLY A 201 35.36 10.60 18.29
C GLY A 201 34.48 10.34 17.08
N THR A 202 34.87 9.33 16.32
CA THR A 202 34.13 8.86 15.13
C THR A 202 34.19 7.39 15.02
N LYS A 203 33.16 6.85 14.41
CA LYS A 203 33.13 5.47 13.93
C LYS A 203 32.39 5.37 12.60
N THR A 204 32.98 4.70 11.62
CA THR A 204 32.29 4.41 10.35
C THR A 204 32.12 2.95 10.28
N LYS A 205 30.95 2.56 9.74
CA LYS A 205 30.61 1.15 9.50
C LYS A 205 29.69 0.97 8.32
N ILE A 206 29.58 -0.29 7.90
CA ILE A 206 28.60 -0.66 6.89
C ILE A 206 27.35 -1.16 7.60
N GLN A 207 26.24 -0.47 7.40
CA GLN A 207 25.01 -0.88 8.08
C GLN A 207 24.06 -1.51 7.07
N THR A 208 23.39 -2.61 7.43
CA THR A 208 22.38 -3.18 6.55
C THR A 208 21.00 -2.59 6.76
N ILE A 209 20.38 -2.00 5.73
CA ILE A 209 18.98 -1.43 5.82
C ILE A 209 18.20 -2.04 4.68
N ASP A 210 17.15 -2.82 4.98
CA ASP A 210 16.38 -3.61 3.97
C ASP A 210 17.22 -4.43 2.98
N GLY A 211 18.22 -5.12 3.48
CA GLY A 211 19.11 -5.88 2.62
C GLY A 211 20.17 -5.08 1.85
N LYS A 212 20.24 -3.76 1.99
CA LYS A 212 21.22 -2.92 1.31
C LYS A 212 22.32 -2.46 2.24
N SER A 213 23.52 -2.28 1.71
CA SER A 213 24.67 -1.83 2.46
C SER A 213 24.70 -0.29 2.42
N VAL A 214 24.65 0.31 3.61
CA VAL A 214 24.64 1.74 3.74
C VAL A 214 25.87 2.12 4.57
N THR A 215 26.47 3.24 4.23
CA THR A 215 27.60 3.71 5.01
C THR A 215 27.10 4.61 6.12
N THR A 216 27.44 4.26 7.34
CA THR A 216 27.04 5.04 8.53
C THR A 216 28.25 5.67 9.25
N THR A 217 28.19 7.00 9.42
CA THR A 217 29.19 7.76 10.17
C THR A 217 28.64 8.26 11.48
N ILE A 218 29.26 7.82 12.55
CA ILE A 218 28.88 8.29 13.91
C ILE A 218 29.93 9.15 14.53
N SER A 219 29.50 10.31 15.02
CA SER A 219 30.41 11.26 15.66
C SER A 219 29.95 11.62 17.06
N SER A 220 30.94 11.78 17.94
CA SER A 220 30.73 12.05 19.35
C SER A 220 31.56 13.22 19.74
N LYS A 221 30.94 14.13 20.49
CA LYS A 221 31.67 15.18 21.17
C LYS A 221 31.02 15.56 22.51
N VAL A 222 31.86 15.99 23.41
CA VAL A 222 31.41 16.41 24.71
C VAL A 222 31.52 17.91 24.72
N VAL A 223 30.45 18.57 25.12
CA VAL A 223 30.40 20.01 25.24
C VAL A 223 30.35 20.36 26.71
N ASP A 224 31.40 21.01 27.19
CA ASP A 224 31.50 21.40 28.60
C ASP A 224 30.51 22.50 28.99
N SER A 225 30.00 22.44 30.23
CA SER A 225 29.02 23.44 30.73
C SER A 225 29.62 24.82 30.62
N ARG A 226 30.95 24.90 30.73
CA ARG A 226 31.77 26.12 30.54
C ARG A 226 32.39 26.35 29.13
N ALA A 227 31.65 26.04 28.07
CA ALA A 227 32.12 26.25 26.71
C ALA A 227 31.31 27.38 26.10
N ASP A 228 31.88 28.05 25.10
CA ASP A 228 31.23 29.22 24.50
C ASP A 228 29.97 28.84 23.76
N GLY A 229 28.99 29.72 23.72
CA GLY A 229 27.71 29.42 23.11
C GLY A 229 26.88 28.37 23.84
N ASN A 230 27.44 27.68 24.85
CA ASN A 230 26.68 26.66 25.56
C ASN A 230 25.80 27.36 26.60
N THR A 231 24.56 27.67 26.24
CA THR A 231 23.62 28.32 27.20
C THR A 231 22.82 27.38 28.09
N THR A 232 23.15 26.10 28.10
CA THR A 232 22.38 25.14 28.88
C THR A 232 22.92 25.09 30.29
N GLY A 233 24.15 25.52 30.51
CA GLY A 233 24.75 25.45 31.82
C GLY A 233 25.02 24.07 32.34
N VAL A 234 24.83 23.07 31.49
CA VAL A 234 25.32 21.74 31.85
C VAL A 234 26.13 21.23 30.67
N SER A 235 26.94 20.26 31.00
CA SER A 235 27.77 19.62 30.07
C SER A 235 27.01 18.37 29.51
N TYR A 236 27.32 18.01 28.27
CA TYR A 236 26.55 17.03 27.54
C TYR A 236 27.38 16.46 26.38
N THR A 237 26.98 15.27 25.99
CA THR A 237 27.51 14.59 24.82
C THR A 237 26.52 14.73 23.66
N GLU A 238 27.03 15.12 22.50
CA GLU A 238 26.23 15.16 21.28
C GLU A 238 26.66 14.06 20.31
N ILE A 239 25.71 13.22 19.92
CA ILE A 239 25.95 12.13 18.94
C ILE A 239 25.29 12.55 17.63
N THR A 240 26.06 12.52 16.55
CA THR A 240 25.55 12.67 15.21
C THR A 240 25.66 11.37 14.44
N ASN A 241 24.57 11.01 13.79
CA ASN A 241 24.50 9.85 12.90
C ASN A 241 24.23 10.28 11.48
N LYS A 242 25.11 9.91 10.56
CA LYS A 242 24.96 10.25 9.11
C LYS A 242 24.93 8.92 8.36
N LEU A 243 23.84 8.71 7.63
CA LEU A 243 23.62 7.51 6.86
C LEU A 243 23.64 7.93 5.42
N GLU A 244 24.58 7.40 4.65
CA GLU A 244 24.64 7.67 3.23
C GLU A 244 24.19 6.51 2.39
N GLY A 245 23.32 6.80 1.41
CA GLY A 245 22.86 5.83 0.45
C GLY A 245 21.72 4.98 1.00
N VAL A 246 20.87 5.55 1.87
CA VAL A 246 19.69 4.84 2.42
C VAL A 246 18.68 4.58 1.27
N PRO A 247 18.22 3.35 1.08
CA PRO A 247 17.25 3.08 0.02
C PRO A 247 15.98 3.81 0.29
N ASP A 248 15.39 4.37 -0.74
CA ASP A 248 14.11 5.04 -0.62
C ASP A 248 12.97 4.36 -1.48
N SER A 249 13.13 3.10 -1.84
CA SER A 249 12.09 2.41 -2.57
C SER A 249 10.84 2.27 -1.67
N ALA A 250 9.71 2.06 -2.34
CA ALA A 250 8.50 1.73 -1.66
C ALA A 250 8.68 0.58 -0.69
N GLN A 251 9.35 -0.46 -1.12
CA GLN A 251 9.57 -1.62 -0.26
C GLN A 251 10.35 -1.24 1.01
N ALA A 252 11.42 -0.48 0.87
CA ALA A 252 12.27 -0.08 1.93
C ALA A 252 11.58 0.90 2.85
N LEU A 253 10.82 1.83 2.31
CA LEU A 253 10.15 2.79 3.17
C LEU A 253 9.00 2.15 3.94
N LEU A 254 8.35 1.19 3.33
CA LEU A 254 7.30 0.45 4.05
C LEU A 254 7.91 -0.37 5.20
N ALA A 255 9.11 -0.91 5.02
CA ALA A 255 9.74 -1.64 6.11
C ALA A 255 10.07 -0.71 7.33
N GLN A 256 10.50 0.53 7.04
CA GLN A 256 10.73 1.57 8.07
C GLN A 256 9.43 1.93 8.72
N ALA A 257 8.39 2.07 7.94
CA ALA A 257 7.06 2.36 8.57
C ALA A 257 6.63 1.26 9.49
N SER A 258 6.90 0.00 9.07
CA SER A 258 6.58 -1.17 9.87
C SER A 258 7.40 -1.17 11.19
N THR A 259 8.68 -0.84 11.09
CA THR A 259 9.51 -0.74 12.27
C THR A 259 9.04 0.34 13.23
N LEU A 260 8.58 1.46 12.72
CA LEU A 260 8.09 2.54 13.53
C LEU A 260 6.88 2.09 14.32
N ILE A 261 5.88 1.59 13.61
CA ILE A 261 4.64 1.22 14.27
C ILE A 261 4.84 -0.01 15.19
N ASN A 262 5.64 -0.96 14.77
CA ASN A 262 5.73 -2.22 15.56
C ASN A 262 6.61 -1.99 16.77
N THR A 263 7.56 -1.05 16.68
CA THR A 263 8.37 -0.69 17.86
C THR A 263 7.52 -0.03 18.92
N ILE A 264 6.61 0.86 18.49
CA ILE A 264 5.70 1.44 19.40
C ILE A 264 4.84 0.35 20.02
N ASN A 265 4.38 -0.62 19.24
CA ASN A 265 3.49 -1.62 19.76
C ASN A 265 4.21 -2.56 20.71
N ASN A 266 5.39 -3.00 20.32
CA ASN A 266 6.18 -3.91 21.12
C ASN A 266 6.62 -3.29 22.44
N ALA A 267 6.98 -2.02 22.45
CA ALA A 267 7.40 -1.36 23.69
C ALA A 267 6.22 -1.08 24.63
N CYS A 268 5.06 -0.82 24.04
CA CYS A 268 3.81 -0.50 24.76
C CYS A 268 4.06 0.45 25.94
N PRO A 269 4.57 1.63 25.64
CA PRO A 269 4.92 2.51 26.73
C PRO A 269 3.76 3.24 27.40
N TYR A 270 3.97 3.54 28.66
CA TYR A 270 3.23 4.50 29.45
C TYR A 270 3.11 5.83 28.70
N PHE A 271 1.94 6.43 28.79
CA PHE A 271 1.76 7.79 28.39
C PHE A 271 0.91 8.53 29.40
N HIS A 272 1.09 9.85 29.42
CA HIS A 272 0.26 10.75 30.21
C HIS A 272 -0.01 12.04 29.43
N ALA A 273 -1.29 12.36 29.22
CA ALA A 273 -1.69 13.70 28.74
C ALA A 273 -2.60 14.37 29.77
N PRO A 282 -11.34 18.77 20.52
CA PRO A 282 -10.49 17.58 20.43
C PRO A 282 -9.66 17.28 21.69
N LYS A 283 -9.86 16.11 22.28
CA LYS A 283 -8.94 15.58 23.30
C LYS A 283 -8.95 14.08 23.09
N PHE A 284 -7.93 13.38 23.58
CA PHE A 284 -7.94 11.93 23.43
C PHE A 284 -9.06 11.38 24.32
N SER A 285 -9.62 10.25 23.88
CA SER A 285 -10.59 9.46 24.65
C SER A 285 -10.04 9.03 26.02
N THR A 286 -8.75 8.69 26.08
CA THR A 286 -8.05 8.29 27.32
C THR A 286 -6.82 9.23 27.47
N THR A 287 -6.58 9.73 28.70
CA THR A 287 -5.40 10.62 28.97
C THR A 287 -4.28 10.01 29.85
N THR A 288 -4.41 8.74 30.25
CA THR A 288 -3.30 8.04 30.91
C THR A 288 -3.47 6.57 30.69
N GLY A 289 -2.36 5.88 30.52
CA GLY A 289 -2.42 4.53 30.09
C GLY A 289 -1.20 4.05 29.40
N LYS A 290 -1.40 3.04 28.59
CA LYS A 290 -0.39 2.46 27.75
C LYS A 290 -0.79 2.68 26.28
N ILE A 291 0.19 2.98 25.45
CA ILE A 291 -0.09 3.38 24.07
C ILE A 291 -0.76 2.24 23.30
N CYS A 292 -0.25 1.02 23.45
CA CYS A 292 -0.84 -0.13 22.77
C CYS A 292 -2.32 -0.47 23.19
N GLY A 293 -2.85 0.17 24.24
CA GLY A 293 -4.20 -0.05 24.80
C GLY A 293 -5.10 1.06 24.36
N ALA A 294 -4.79 2.27 24.74
CA ALA A 294 -5.60 3.39 24.33
C ALA A 294 -5.67 3.59 22.80
N PHE A 295 -4.60 3.25 22.06
CA PHE A 295 -4.55 3.44 20.60
C PHE A 295 -4.52 2.15 19.77
N SER A 296 -5.08 1.10 20.33
CA SER A 296 -5.07 -0.21 19.72
C SER A 296 -5.84 -0.24 18.40
N GLU A 297 -6.99 0.44 18.35
CA GLU A 297 -7.74 0.50 17.07
C GLU A 297 -6.94 1.18 15.95
N GLU A 298 -6.23 2.23 16.31
CA GLU A 298 -5.45 2.97 15.34
C GLU A 298 -4.23 2.13 14.91
N ILE A 299 -3.55 1.51 15.86
CA ILE A 299 -2.40 0.64 15.52
C ILE A 299 -2.82 -0.49 14.57
N SER A 300 -3.95 -1.13 14.89
CA SER A 300 -4.52 -2.18 14.08
C SER A 300 -4.71 -1.76 12.60
N ALA A 301 -5.27 -0.59 12.38
CA ALA A 301 -5.44 -0.11 11.03
C ALA A 301 -4.09 0.14 10.31
N ILE A 302 -3.16 0.77 11.00
CA ILE A 302 -1.93 1.18 10.37
C ILE A 302 -1.06 -0.04 10.05
N GLN A 303 -0.99 -1.02 10.95
CA GLN A 303 -0.39 -2.34 10.60
C GLN A 303 -1.02 -3.04 9.35
N LYS A 304 -2.34 -3.06 9.24
CA LYS A 304 -3.01 -3.61 8.07
C LYS A 304 -2.71 -2.82 6.79
N MSE A 305 -2.72 -1.50 6.89
CA MSE A 305 -2.40 -0.65 5.76
C MSE A 305 -1.01 -0.93 5.21
O MSE A 305 -0.82 -1.04 4.01
CB MSE A 305 -2.48 0.79 6.08
CG MSE A 305 -3.95 1.20 6.18
SE MSE A 305 -4.02 2.92 7.19
CE MSE A 305 -4.14 3.83 5.50
N ILE A 306 -0.05 -1.03 6.10
CA ILE A 306 1.34 -1.31 5.76
C ILE A 306 1.47 -2.69 5.13
N THR A 307 0.86 -3.66 5.75
CA THR A 307 0.89 -5.04 5.22
C THR A 307 0.25 -5.17 3.85
N ASP A 308 -0.90 -4.53 3.63
CA ASP A 308 -1.52 -4.48 2.29
C ASP A 308 -0.66 -3.70 1.29
N ALA A 309 -0.05 -2.62 1.72
CA ALA A 309 0.84 -1.94 0.78
C ALA A 309 2.04 -2.80 0.45
N GLN A 310 2.57 -3.52 1.41
CA GLN A 310 3.68 -4.43 1.10
C GLN A 310 3.29 -5.51 0.08
N GLU A 311 2.11 -6.09 0.22
CA GLU A 311 1.64 -7.04 -0.75
C GLU A 311 1.35 -6.44 -2.10
N LEU A 312 0.87 -5.22 -2.12
CA LEU A 312 0.70 -4.48 -3.36
C LEU A 312 2.04 -4.28 -4.10
N VAL A 313 3.05 -3.87 -3.41
CA VAL A 313 4.35 -3.69 -4.02
C VAL A 313 4.97 -5.03 -4.50
N ASN A 314 4.71 -6.13 -3.79
CA ASN A 314 5.15 -7.47 -4.20
C ASN A 314 4.57 -7.88 -5.54
N GLN A 315 3.42 -7.36 -5.94
CA GLN A 315 2.88 -7.64 -7.25
C GLN A 315 3.69 -7.09 -8.40
N THR A 316 4.44 -6.04 -8.15
CA THR A 316 5.23 -5.37 -9.13
C THR A 316 6.14 -6.35 -9.86
N SER A 317 6.69 -7.34 -9.17
CA SER A 317 7.67 -8.22 -9.85
C SER A 317 6.91 -9.19 -10.79
N VAL A 318 5.65 -9.55 -10.48
CA VAL A 318 4.87 -10.41 -11.39
C VAL A 318 4.59 -9.65 -12.69
N ILE A 319 4.16 -8.40 -12.55
CA ILE A 319 3.92 -7.54 -13.73
C ILE A 319 5.17 -7.38 -14.60
N ASN A 320 6.28 -7.02 -13.96
CA ASN A 320 7.55 -6.85 -14.64
C ASN A 320 8.12 -8.07 -15.30
N GLU A 321 7.78 -9.25 -14.79
CA GLU A 321 8.22 -10.52 -15.39
C GLU A 321 7.49 -10.93 -16.66
N HIS A 322 6.26 -10.43 -16.85
CA HIS A 322 5.39 -10.89 -17.95
C HIS A 322 5.02 -9.68 -18.81
N GLU A 323 5.95 -9.23 -19.66
CA GLU A 323 5.68 -8.01 -20.45
C GLU A 323 4.75 -8.31 -21.62
N GLN A 324 3.96 -7.33 -21.98
CA GLN A 324 2.90 -7.48 -22.95
C GLN A 324 3.25 -6.86 -24.30
N THR A 325 4.52 -6.67 -24.58
CA THR A 325 5.04 -5.89 -25.76
C THR A 325 5.05 -6.61 -27.17
N THR A 326 5.10 -7.91 -27.18
CA THR A 326 5.24 -8.65 -28.40
C THR A 326 3.86 -8.97 -28.93
N PRO A 327 3.57 -8.60 -30.19
CA PRO A 327 2.31 -9.06 -30.76
C PRO A 327 2.21 -10.58 -30.83
N VAL A 328 0.99 -11.08 -30.73
CA VAL A 328 0.74 -12.51 -30.74
C VAL A 328 0.21 -12.88 -32.11
N GLY A 329 -0.01 -14.17 -32.31
CA GLY A 329 -0.37 -14.72 -33.65
C GLY A 329 0.90 -15.12 -34.42
N ASN A 330 0.72 -15.87 -35.48
CA ASN A 330 1.82 -16.34 -36.29
C ASN A 330 2.06 -15.26 -37.28
N ASN A 331 3.31 -15.07 -37.63
CA ASN A 331 3.60 -13.95 -38.55
C ASN A 331 3.84 -14.40 -39.96
N ASN A 332 3.75 -15.70 -40.17
CA ASN A 332 4.00 -16.25 -41.46
C ASN A 332 2.51 -16.48 -41.84
N GLY A 333 2.13 -17.33 -42.73
CA GLY A 333 0.64 -17.31 -43.00
C GLY A 333 -0.40 -18.00 -42.09
N LYS A 334 0.02 -18.80 -41.13
CA LYS A 334 -0.85 -19.74 -40.42
C LYS A 334 -1.96 -19.11 -39.58
N PRO A 335 -3.24 -19.48 -39.83
CA PRO A 335 -4.32 -18.91 -38.99
C PRO A 335 -4.12 -19.21 -37.48
N PHE A 336 -4.58 -18.29 -36.65
CA PHE A 336 -4.27 -18.41 -35.23
C PHE A 336 -5.09 -19.53 -34.63
N ASN A 337 -4.48 -20.53 -34.04
CA ASN A 337 -5.21 -21.60 -33.40
C ASN A 337 -5.08 -21.46 -31.88
N PRO A 338 -6.20 -21.22 -31.19
CA PRO A 338 -6.16 -20.90 -29.74
C PRO A 338 -5.76 -22.08 -28.91
N PHE A 339 -5.91 -23.28 -29.47
CA PHE A 339 -5.48 -24.47 -28.78
C PHE A 339 -4.00 -24.67 -28.77
N THR A 340 -3.25 -24.02 -29.66
CA THR A 340 -1.84 -24.34 -29.84
C THR A 340 -0.89 -23.13 -29.96
N ASP A 341 -1.43 -21.95 -30.20
CA ASP A 341 -0.61 -20.77 -30.46
C ASP A 341 -0.68 -19.84 -29.28
N ALA A 342 -1.22 -20.29 -28.15
CA ALA A 342 -1.51 -19.39 -27.03
C ALA A 342 -0.63 -19.56 -25.79
N SER A 343 0.62 -19.93 -25.97
CA SER A 343 1.46 -20.11 -24.80
C SER A 343 1.77 -18.76 -24.05
N PHE A 344 1.70 -17.60 -24.70
CA PHE A 344 1.73 -16.32 -24.02
C PHE A 344 0.63 -16.11 -22.95
N ALA A 345 -0.48 -16.83 -23.04
CA ALA A 345 -1.66 -16.52 -22.23
C ALA A 345 -1.40 -16.67 -20.74
N GLN A 346 -0.61 -17.65 -20.31
CA GLN A 346 -0.36 -17.83 -18.87
C GLN A 346 0.30 -16.54 -18.26
N GLY A 347 1.26 -15.95 -18.97
CA GLY A 347 1.93 -14.69 -18.59
C GLY A 347 0.94 -13.53 -18.59
N MSE A 348 0.07 -13.50 -19.60
CA MSE A 348 -0.88 -12.45 -19.70
C MSE A 348 -1.85 -12.54 -18.57
O MSE A 348 -2.21 -11.46 -18.03
CB MSE A 348 -1.50 -12.47 -21.08
CG MSE A 348 -2.51 -11.30 -21.39
SE MSE A 348 -3.40 -11.79 -23.11
CE MSE A 348 -4.74 -10.33 -23.15
N LEU A 349 -2.30 -13.75 -18.18
CA LEU A 349 -3.24 -13.88 -17.07
C LEU A 349 -2.60 -13.45 -15.71
N ALA A 350 -1.33 -13.84 -15.50
CA ALA A 350 -0.59 -13.48 -14.34
C ALA A 350 -0.41 -11.95 -14.16
N ASN A 351 -0.05 -11.27 -15.24
CA ASN A 351 0.07 -9.85 -15.30
C ASN A 351 -1.27 -9.20 -14.96
N ALA A 352 -2.31 -9.57 -15.67
CA ALA A 352 -3.60 -8.90 -15.50
C ALA A 352 -4.10 -9.14 -14.06
N SER A 353 -3.98 -10.37 -13.60
CA SER A 353 -4.42 -10.71 -12.22
C SER A 353 -3.67 -9.93 -11.11
N ALA A 354 -2.36 -9.70 -11.33
CA ALA A 354 -1.55 -8.96 -10.39
C ALA A 354 -1.96 -7.51 -10.43
N GLN A 355 -2.30 -6.95 -11.62
CA GLN A 355 -2.77 -5.55 -11.67
C GLN A 355 -4.11 -5.41 -10.92
N ALA A 356 -5.02 -6.36 -11.16
CA ALA A 356 -6.30 -6.41 -10.43
C ALA A 356 -6.11 -6.42 -8.91
N LYS A 357 -5.22 -7.28 -8.47
CA LYS A 357 -4.84 -7.36 -7.07
C LYS A 357 -4.22 -6.10 -6.51
N MSE A 358 -3.38 -5.41 -7.27
CA MSE A 358 -2.83 -4.10 -6.81
C MSE A 358 -3.93 -3.09 -6.58
O MSE A 358 -3.93 -2.37 -5.59
CB MSE A 358 -1.81 -3.46 -7.74
CG MSE A 358 -0.58 -4.32 -7.79
SE MSE A 358 0.69 -3.48 -9.11
CE MSE A 358 0.71 -1.71 -8.67
N LEU A 359 -4.88 -3.05 -7.49
CA LEU A 359 -6.07 -2.21 -7.33
C LEU A 359 -6.97 -2.51 -6.12
N ASN A 360 -7.29 -3.76 -5.96
CA ASN A 360 -8.01 -4.17 -4.80
C ASN A 360 -7.29 -3.80 -3.48
N LEU A 361 -6.01 -4.09 -3.38
CA LEU A 361 -5.24 -3.75 -2.17
C LEU A 361 -5.18 -2.25 -1.96
N ALA A 362 -5.01 -1.51 -3.05
CA ALA A 362 -4.97 -0.04 -2.89
C ALA A 362 -6.26 0.46 -2.22
N GLU A 363 -7.39 -0.05 -2.67
CA GLU A 363 -8.69 0.29 -2.12
C GLU A 363 -8.81 -0.13 -0.68
N GLN A 364 -8.34 -1.33 -0.30
CA GLN A 364 -8.29 -1.74 1.11
C GLN A 364 -7.44 -0.84 1.98
N VAL A 365 -6.35 -0.28 1.46
CA VAL A 365 -5.55 0.68 2.26
C VAL A 365 -6.38 1.93 2.51
N GLY A 366 -7.02 2.41 1.43
CA GLY A 366 -7.96 3.54 1.53
C GLY A 366 -9.02 3.36 2.59
N GLN A 367 -9.70 2.23 2.55
CA GLN A 367 -10.90 2.03 3.38
C GLN A 367 -10.59 1.85 4.84
N ALA A 368 -9.37 1.47 5.19
CA ALA A 368 -8.96 1.25 6.57
C ALA A 368 -8.94 2.50 7.43
N ILE A 369 -8.79 3.66 6.77
CA ILE A 369 -8.52 4.94 7.43
C ILE A 369 -9.50 6.06 7.08
N ASN A 370 -10.30 5.86 6.05
CA ASN A 370 -11.16 6.90 5.55
C ASN A 370 -12.25 7.17 6.58
N PRO A 371 -12.23 8.40 7.15
CA PRO A 371 -13.15 8.76 8.24
C PRO A 371 -14.62 8.61 7.92
N GLU A 372 -14.97 8.69 6.65
CA GLU A 372 -16.34 8.41 6.22
C GLU A 372 -16.82 7.02 6.58
N ARG A 373 -15.90 6.09 6.80
CA ARG A 373 -16.22 4.69 7.01
C ARG A 373 -16.05 4.30 8.49
N LEU A 374 -15.63 5.23 9.32
CA LEU A 374 -15.27 4.90 10.69
C LEU A 374 -16.32 5.55 11.61
N SER A 375 -16.31 5.14 12.84
CA SER A 375 -17.12 5.81 13.83
C SER A 375 -16.38 5.85 15.16
N GLY A 376 -17.00 6.49 16.14
CA GLY A 376 -16.50 6.47 17.50
C GLY A 376 -15.20 7.22 17.66
N THR A 377 -14.45 6.78 18.63
CA THR A 377 -13.24 7.47 18.97
C THR A 377 -12.21 7.36 17.84
N PHE A 378 -12.27 6.30 17.02
CA PHE A 378 -11.31 6.14 15.92
C PHE A 378 -11.56 7.20 14.84
N GLN A 379 -12.82 7.42 14.51
CA GLN A 379 -13.16 8.48 13.56
C GLN A 379 -12.64 9.82 14.03
N ASN A 380 -12.93 10.12 15.30
CA ASN A 380 -12.39 11.33 15.94
C ASN A 380 -10.87 11.40 15.94
N PHE A 381 -10.19 10.30 16.22
CA PHE A 381 -8.74 10.36 16.15
C PHE A 381 -8.29 10.72 14.73
N VAL A 382 -8.93 10.16 13.73
CA VAL A 382 -8.46 10.41 12.38
C VAL A 382 -8.81 11.84 11.90
N LYS A 383 -10.08 12.22 12.03
CA LYS A 383 -10.45 13.59 11.65
C LYS A 383 -9.80 14.69 12.49
N GLY A 384 -9.77 14.56 13.81
CA GLY A 384 -9.29 15.67 14.62
C GLY A 384 -7.81 15.76 14.92
N PHE A 385 -7.08 14.67 14.64
CA PHE A 385 -5.65 14.60 14.97
C PHE A 385 -4.78 14.16 13.82
N LEU A 386 -5.00 12.94 13.33
CA LEU A 386 -4.08 12.33 12.34
C LEU A 386 -4.08 13.06 11.00
N ALA A 387 -5.29 13.45 10.57
CA ALA A 387 -5.47 14.18 9.32
C ALA A 387 -5.34 15.67 9.38
N THR A 388 -4.72 16.26 10.40
CA THR A 388 -4.55 17.69 10.44
C THR A 388 -3.07 17.97 10.58
N CYS A 389 -2.72 19.24 10.44
CA CYS A 389 -1.39 19.74 10.72
C CYS A 389 -1.40 21.05 11.50
N ASN A 390 -0.80 21.08 12.70
CA ASN A 390 -0.68 22.36 13.43
C ASN A 390 0.47 23.30 12.93
N ASN A 391 1.35 22.83 12.05
CA ASN A 391 2.45 23.68 11.54
C ASN A 391 1.97 25.02 10.87
N PRO A 392 2.63 26.13 11.17
CA PRO A 392 2.22 27.34 10.40
C PRO A 392 2.54 27.25 8.88
N SER A 393 1.88 28.03 8.04
CA SER A 393 2.01 27.88 6.59
C SER A 393 3.39 28.27 6.05
N GLN A 401 -0.32 28.59 1.94
CA GLN A 401 0.30 27.36 1.45
C GLN A 401 0.97 26.56 2.59
N GLY A 402 0.58 25.29 2.74
CA GLY A 402 0.97 24.51 3.91
C GLY A 402 2.46 24.24 3.99
N SER A 403 2.94 23.89 5.17
CA SER A 403 4.32 23.42 5.33
C SER A 403 4.61 22.18 4.42
N ALA A 404 5.86 22.07 4.00
CA ALA A 404 6.34 20.96 3.22
C ALA A 404 6.25 19.65 4.03
N PRO A 405 6.10 18.51 3.33
CA PRO A 405 6.22 17.27 4.06
C PRO A 405 7.51 17.16 4.80
N GLY A 406 7.51 16.30 5.79
CA GLY A 406 8.72 16.12 6.56
C GLY A 406 9.11 17.28 7.44
N THR A 407 8.25 18.24 7.74
CA THR A 407 8.67 19.38 8.61
C THR A 407 8.22 19.19 10.02
N VAL A 408 9.16 19.37 10.95
CA VAL A 408 8.86 19.31 12.39
C VAL A 408 9.04 20.72 12.99
N THR A 409 8.00 21.29 13.60
CA THR A 409 8.06 22.59 14.30
C THR A 409 7.64 22.39 15.74
N THR A 410 7.76 23.47 16.53
CA THR A 410 7.39 23.44 17.98
C THR A 410 5.85 23.24 18.17
N GLN A 411 5.08 23.36 17.08
CA GLN A 411 3.62 23.13 17.06
C GLN A 411 3.15 21.77 16.52
N THR A 412 4.04 21.00 15.88
CA THR A 412 3.65 19.71 15.27
C THR A 412 2.87 18.80 16.23
N PHE A 413 3.32 18.71 17.49
CA PHE A 413 2.77 17.78 18.47
C PHE A 413 1.21 17.74 18.46
N ALA A 414 0.68 16.52 18.52
CA ALA A 414 -0.75 16.23 18.53
C ALA A 414 -1.49 16.26 17.17
N SER A 415 -0.76 16.57 16.09
CA SER A 415 -1.36 16.57 14.77
C SER A 415 -0.44 15.74 13.85
N GLY A 416 -1.02 15.14 12.82
CA GLY A 416 -0.23 14.23 11.95
C GLY A 416 0.87 14.89 11.12
N CYS A 417 0.58 16.07 10.59
CA CYS A 417 1.56 16.80 9.74
C CYS A 417 2.20 15.90 8.73
N ALA A 418 1.36 15.12 8.07
CA ALA A 418 1.86 14.12 7.08
C ALA A 418 0.92 14.03 5.90
N TYR A 419 0.23 15.12 5.63
CA TYR A 419 -0.70 15.17 4.53
C TYR A 419 -1.68 14.05 4.46
N VAL A 420 -2.13 13.54 5.61
CA VAL A 420 -2.91 12.36 5.62
C VAL A 420 -4.27 12.64 4.95
N GLY A 421 -4.98 13.71 5.35
CA GLY A 421 -6.27 14.04 4.75
C GLY A 421 -6.24 14.18 3.25
N GLN A 422 -5.25 14.90 2.76
CA GLN A 422 -5.10 15.05 1.31
C GLN A 422 -4.73 13.77 0.63
N THR A 423 -3.92 12.91 1.26
CA THR A 423 -3.53 11.65 0.60
C THR A 423 -4.75 10.71 0.53
N ILE A 424 -5.61 10.72 1.54
CA ILE A 424 -6.87 9.98 1.48
C ILE A 424 -7.70 10.44 0.28
N THR A 425 -7.80 11.73 0.06
CA THR A 425 -8.47 12.27 -1.10
C THR A 425 -7.85 11.88 -2.45
N ASN A 426 -6.56 12.08 -2.56
CA ASN A 426 -5.81 11.70 -3.72
C ASN A 426 -5.88 10.19 -4.01
N LEU A 427 -5.93 9.33 -2.99
CA LEU A 427 -6.10 7.92 -3.23
C LEU A 427 -7.51 7.61 -3.75
N LYS A 428 -8.54 8.15 -3.11
CA LYS A 428 -9.90 8.05 -3.67
C LYS A 428 -10.03 8.48 -5.12
N ASN A 429 -9.50 9.67 -5.44
CA ASN A 429 -9.64 10.20 -6.77
C ASN A 429 -8.81 9.42 -7.80
N SER A 430 -7.60 8.95 -7.44
CA SER A 430 -6.82 8.09 -8.36
C SER A 430 -7.53 6.75 -8.68
N ILE A 431 -8.22 6.19 -7.74
CA ILE A 431 -8.96 4.95 -7.97
C ILE A 431 -10.17 5.21 -8.88
N ALA A 432 -10.96 6.24 -8.59
CA ALA A 432 -12.08 6.60 -9.47
C ALA A 432 -11.63 6.95 -10.89
N HIS A 433 -10.51 7.67 -11.01
CA HIS A 433 -10.03 7.98 -12.34
C HIS A 433 -9.29 6.79 -13.03
N PHE A 434 -9.10 5.66 -12.33
CA PHE A 434 -8.41 4.49 -12.92
C PHE A 434 -9.43 3.51 -13.50
N GLY A 435 -10.67 3.96 -13.63
CA GLY A 435 -11.75 3.15 -14.18
C GLY A 435 -11.55 2.65 -15.60
N THR A 436 -10.97 3.49 -16.45
CA THR A 436 -10.55 3.13 -17.80
C THR A 436 -9.66 1.88 -17.78
N GLN A 437 -8.57 1.97 -17.02
CA GLN A 437 -7.59 0.88 -16.98
C GLN A 437 -8.18 -0.32 -16.25
N GLU A 438 -8.99 -0.08 -15.24
CA GLU A 438 -9.67 -1.13 -14.52
C GLU A 438 -10.52 -2.01 -15.46
N GLN A 439 -11.27 -1.38 -16.33
CA GLN A 439 -11.97 -2.13 -17.38
C GLN A 439 -11.02 -2.90 -18.33
N GLN A 440 -9.93 -2.26 -18.75
CA GLN A 440 -8.95 -2.89 -19.64
C GLN A 440 -8.31 -4.10 -18.97
N ILE A 441 -8.05 -3.98 -17.66
CA ILE A 441 -7.50 -5.06 -16.84
C ILE A 441 -8.47 -6.25 -16.80
N GLN A 442 -9.73 -5.99 -16.57
CA GLN A 442 -10.71 -7.05 -16.55
C GLN A 442 -10.83 -7.71 -17.93
N GLN A 443 -10.81 -6.90 -18.99
CA GLN A 443 -10.89 -7.47 -20.36
C GLN A 443 -9.72 -8.41 -20.59
N ALA A 444 -8.55 -8.00 -20.16
CA ALA A 444 -7.33 -8.87 -20.34
C ALA A 444 -7.38 -10.13 -19.50
N GLU A 445 -7.86 -10.01 -18.29
CA GLU A 445 -8.07 -11.17 -17.46
C GLU A 445 -9.00 -12.22 -18.12
N ASN A 446 -10.16 -11.76 -18.58
CA ASN A 446 -11.17 -12.62 -19.21
C ASN A 446 -10.67 -13.29 -20.46
N ILE A 447 -9.96 -12.55 -21.29
CA ILE A 447 -9.39 -13.08 -22.47
C ILE A 447 -8.23 -14.01 -22.24
N ALA A 448 -7.31 -13.66 -21.32
CA ALA A 448 -6.24 -14.61 -21.03
C ALA A 448 -6.75 -15.90 -20.35
N ASP A 449 -7.70 -15.74 -19.45
CA ASP A 449 -8.40 -16.90 -18.87
C ASP A 449 -9.01 -17.81 -19.92
N THR A 450 -9.70 -17.24 -20.87
CA THR A 450 -10.29 -18.02 -21.92
C THR A 450 -9.23 -18.78 -22.74
N LEU A 451 -8.17 -18.09 -23.10
CA LEU A 451 -7.06 -18.72 -23.84
C LEU A 451 -6.41 -19.86 -23.10
N VAL A 452 -6.05 -19.63 -21.84
CA VAL A 452 -5.44 -20.66 -20.99
C VAL A 452 -6.33 -21.89 -20.88
N ASN A 453 -7.65 -21.69 -20.86
CA ASN A 453 -8.64 -22.77 -20.63
C ASN A 453 -9.56 -22.88 -21.84
N PHE A 454 -9.05 -22.78 -23.08
CA PHE A 454 -9.91 -22.57 -24.24
C PHE A 454 -10.88 -23.73 -24.43
N LYS A 455 -10.38 -24.97 -24.33
CA LYS A 455 -11.27 -26.12 -24.55
C LYS A 455 -12.45 -26.10 -23.55
N SER A 456 -12.11 -25.88 -22.29
CA SER A 456 -13.06 -25.87 -21.24
C SER A 456 -14.05 -24.68 -21.38
N ARG A 457 -13.60 -23.49 -21.79
CA ARG A 457 -14.51 -22.35 -21.91
C ARG A 457 -15.40 -22.52 -23.14
N TYR A 458 -14.88 -23.15 -24.17
CA TYR A 458 -15.67 -23.41 -25.38
C TYR A 458 -16.74 -24.44 -25.07
N SER A 459 -16.32 -25.47 -24.34
CA SER A 459 -17.30 -26.40 -23.86
C SER A 459 -18.45 -25.78 -22.93
N GLU A 460 -18.11 -24.82 -22.05
CA GLU A 460 -19.06 -24.13 -21.26
C GLU A 460 -20.05 -23.33 -22.12
N LEU A 461 -19.59 -22.78 -23.22
CA LEU A 461 -20.47 -22.07 -24.13
C LEU A 461 -21.53 -23.02 -24.67
N GLY A 462 -21.13 -24.21 -25.15
CA GLY A 462 -22.08 -25.24 -25.49
C GLY A 462 -23.04 -25.71 -24.39
N ASN A 463 -22.53 -25.82 -23.19
CA ASN A 463 -23.38 -26.22 -22.04
C ASN A 463 -24.39 -25.14 -21.66
N THR A 464 -23.99 -23.89 -21.84
CA THR A 464 -24.93 -22.74 -21.65
C THR A 464 -26.01 -22.72 -22.72
N TYR A 465 -25.64 -23.00 -23.96
CA TYR A 465 -26.61 -23.31 -25.04
C TYR A 465 -27.60 -24.42 -24.67
N ASN A 466 -27.10 -25.53 -24.15
CA ASN A 466 -28.00 -26.65 -23.75
C ASN A 466 -28.93 -26.22 -22.64
N SER A 467 -28.43 -25.48 -21.67
CA SER A 467 -29.29 -25.06 -20.58
C SER A 467 -30.43 -24.12 -21.09
N ILE A 468 -30.08 -23.25 -22.01
CA ILE A 468 -31.03 -22.30 -22.63
C ILE A 468 -32.13 -23.06 -23.43
N THR A 469 -31.68 -23.97 -24.26
CA THR A 469 -32.53 -24.87 -25.03
C THR A 469 -33.51 -25.62 -24.15
N THR A 470 -33.04 -26.05 -22.98
CA THR A 470 -33.93 -26.64 -22.01
C THR A 470 -34.89 -25.61 -21.44
N ALA A 471 -34.41 -24.47 -20.97
CA ALA A 471 -35.31 -23.48 -20.39
C ALA A 471 -36.40 -23.05 -21.41
N LEU A 472 -36.05 -22.98 -22.69
CA LEU A 472 -37.00 -22.53 -23.75
C LEU A 472 -38.11 -23.58 -23.98
N SER A 473 -37.78 -24.85 -23.92
CA SER A 473 -38.79 -25.88 -24.01
C SER A 473 -39.74 -25.87 -22.81
N ASN A 474 -39.37 -25.31 -21.67
CA ASN A 474 -40.25 -25.26 -20.47
C ASN A 474 -40.93 -23.89 -20.19
N ILE A 475 -41.11 -23.08 -21.23
CA ILE A 475 -41.94 -21.86 -21.10
C ILE A 475 -43.14 -22.10 -22.04
N PRO A 476 -44.36 -21.82 -21.57
CA PRO A 476 -45.54 -22.20 -22.36
C PRO A 476 -45.75 -21.27 -23.52
N ASN A 477 -46.46 -21.72 -24.55
CA ASN A 477 -46.82 -20.88 -25.72
C ASN A 477 -45.66 -20.10 -26.26
N ALA A 478 -44.48 -20.69 -26.22
CA ALA A 478 -43.28 -19.97 -26.58
C ALA A 478 -42.75 -20.62 -27.82
N GLN A 479 -43.66 -21.07 -28.69
CA GLN A 479 -43.32 -21.85 -29.87
C GLN A 479 -42.41 -21.05 -30.83
N SER A 480 -42.66 -19.75 -30.90
CA SER A 480 -41.93 -18.88 -31.81
C SER A 480 -40.56 -18.43 -31.26
N LEU A 481 -40.30 -18.63 -29.96
CA LEU A 481 -39.01 -18.25 -29.34
C LEU A 481 -37.97 -19.36 -29.31
N GLN A 482 -38.25 -20.51 -29.93
CA GLN A 482 -37.35 -21.68 -29.85
C GLN A 482 -36.05 -21.51 -30.70
N ASN A 483 -36.04 -20.54 -31.59
CA ASN A 483 -34.88 -20.15 -32.37
C ASN A 483 -33.95 -19.13 -31.63
N ALA A 484 -34.32 -18.70 -30.42
CA ALA A 484 -33.50 -17.70 -29.69
C ALA A 484 -32.00 -17.99 -29.73
N VAL A 485 -31.61 -19.25 -29.59
CA VAL A 485 -30.24 -19.63 -29.92
C VAL A 485 -30.24 -20.69 -30.99
N SER A 486 -29.17 -20.73 -31.75
CA SER A 486 -28.92 -21.82 -32.66
C SER A 486 -27.43 -22.07 -32.83
N LYS A 487 -27.08 -23.16 -33.51
CA LYS A 487 -25.70 -23.42 -33.77
C LYS A 487 -25.55 -24.15 -35.10
N LYS A 488 -24.33 -24.20 -35.61
CA LYS A 488 -24.04 -24.87 -36.91
C LYS A 488 -22.67 -25.47 -36.80
N ASN A 489 -22.51 -26.62 -37.40
CA ASN A 489 -21.24 -27.27 -37.45
C ASN A 489 -20.40 -26.63 -38.57
N ASN A 490 -19.11 -26.47 -38.34
CA ASN A 490 -18.19 -26.00 -39.38
C ASN A 490 -16.93 -26.86 -39.30
N PRO A 491 -16.90 -27.96 -40.06
CA PRO A 491 -15.72 -28.85 -39.95
C PRO A 491 -14.42 -28.27 -40.54
N TYR A 492 -14.52 -27.17 -41.26
CA TYR A 492 -13.39 -26.57 -41.99
C TYR A 492 -12.64 -25.50 -41.20
N SER A 493 -13.05 -25.23 -39.94
CA SER A 493 -12.45 -24.11 -39.24
C SER A 493 -10.92 -24.28 -39.19
N PRO A 494 -10.16 -23.29 -39.66
CA PRO A 494 -8.67 -23.37 -39.51
C PRO A 494 -8.14 -23.23 -38.07
N GLN A 495 -9.04 -22.97 -37.14
CA GLN A 495 -8.77 -22.67 -35.76
C GLN A 495 -9.28 -23.70 -34.80
N GLY A 496 -9.83 -24.81 -35.32
CA GLY A 496 -10.36 -25.90 -34.46
C GLY A 496 -11.69 -25.62 -33.77
N ILE A 497 -12.38 -24.58 -34.24
CA ILE A 497 -13.63 -24.09 -33.69
C ILE A 497 -14.75 -24.63 -34.58
N ASP A 498 -15.21 -25.81 -34.22
CA ASP A 498 -16.00 -26.60 -35.13
C ASP A 498 -17.50 -26.32 -34.96
N THR A 499 -17.89 -25.49 -33.99
CA THR A 499 -19.28 -25.10 -33.82
C THR A 499 -19.44 -23.60 -33.67
N ASN A 500 -20.30 -23.02 -34.52
CA ASN A 500 -20.65 -21.61 -34.48
C ASN A 500 -21.93 -21.44 -33.74
N TYR A 501 -21.97 -20.50 -32.79
CA TYR A 501 -23.14 -20.32 -31.94
C TYR A 501 -23.74 -18.98 -32.27
N TYR A 502 -25.05 -18.90 -32.20
CA TYR A 502 -25.81 -17.75 -32.69
C TYR A 502 -26.89 -17.39 -31.71
N LEU A 503 -27.25 -16.09 -31.67
CA LEU A 503 -28.35 -15.57 -30.88
C LEU A 503 -29.31 -14.86 -31.83
N ASN A 504 -30.58 -15.29 -31.88
CA ASN A 504 -31.58 -14.56 -32.69
C ASN A 504 -32.02 -13.28 -31.95
N GLN A 505 -31.69 -12.13 -32.53
CA GLN A 505 -31.98 -10.83 -31.89
C GLN A 505 -33.52 -10.54 -31.67
N ASN A 506 -34.38 -10.84 -32.65
CA ASN A 506 -35.84 -10.65 -32.42
C ASN A 506 -36.39 -11.45 -31.26
N SER A 507 -36.09 -12.76 -31.23
CA SER A 507 -36.50 -13.61 -30.10
C SER A 507 -35.96 -13.13 -28.77
N TYR A 508 -34.69 -12.71 -28.76
CA TYR A 508 -34.07 -12.13 -27.58
C TYR A 508 -34.77 -10.85 -27.09
N ASN A 509 -35.08 -9.96 -28.01
CA ASN A 509 -35.75 -8.69 -27.62
C ASN A 509 -37.13 -8.97 -27.06
N GLN A 510 -37.86 -9.87 -27.70
CA GLN A 510 -39.17 -10.32 -27.18
C GLN A 510 -39.02 -10.85 -25.76
N ILE A 511 -38.01 -11.70 -25.53
CA ILE A 511 -37.80 -12.32 -24.19
C ILE A 511 -37.45 -11.28 -23.14
N GLN A 512 -36.69 -10.27 -23.57
CA GLN A 512 -36.32 -9.17 -22.67
C GLN A 512 -37.59 -8.35 -22.26
N THR A 513 -38.55 -8.22 -23.16
CA THR A 513 -39.77 -7.46 -22.85
C THR A 513 -40.65 -8.20 -21.83
N ILE A 514 -41.01 -9.43 -22.19
CA ILE A 514 -41.82 -10.29 -21.32
C ILE A 514 -41.29 -10.21 -19.87
N ASN A 515 -39.99 -10.43 -19.72
CA ASN A 515 -39.33 -10.40 -18.42
C ASN A 515 -39.47 -9.04 -17.68
N GLN A 516 -39.33 -7.92 -18.40
CA GLN A 516 -39.52 -6.60 -17.79
C GLN A 516 -40.95 -6.49 -17.24
N GLU A 517 -41.94 -6.93 -18.02
CA GLU A 517 -43.37 -6.91 -17.58
C GLU A 517 -43.72 -7.77 -16.37
N LEU A 518 -42.92 -8.82 -16.14
CA LEU A 518 -42.89 -9.63 -14.94
C LEU A 518 -43.82 -10.82 -15.23
#